data_3NAT
#
_entry.id   3NAT
#
_cell.length_a   81.381
_cell.length_b   81.381
_cell.length_c   164.160
_cell.angle_alpha   90.00
_cell.angle_beta   90.00
_cell.angle_gamma   90.00
#
_symmetry.space_group_name_H-M   'P 43 21 2'
#
loop_
_entity.id
_entity.type
_entity.pdbx_description
1 polymer 'Uncharacterized protein'
2 non-polymer 'ZINC ION'
3 non-polymer 'CITRIC ACID'
4 water water
#
_entity_poly.entity_id   1
_entity_poly.type   'polypeptide(L)'
_entity_poly.pdbx_seq_one_letter_code
;SNA(MSE)KKAT(MSE)LTYLEEQLEKHLGDYEVGLDWDRKNHTIEVIVRLYAENNEQVAIDDVDGTLSEEEFIEFEDGL
LFYNPQKSVVDDEEYLVTIPYEGKKGLRKAVLDGFIHYLKVVLDEGQSDLLDFLSDETAEVFELHWEPADFEA(MSE)IK
KVAETEKEQWIAYPSY
;
_entity_poly.pdbx_strand_id   A,B
#
loop_
_chem_comp.id
_chem_comp.type
_chem_comp.name
_chem_comp.formula
CIT non-polymer 'CITRIC ACID' 'C6 H8 O7'
ZN non-polymer 'ZINC ION' 'Zn 2'
#
# COMPACT_ATOMS: atom_id res chain seq x y z
N SER A 1 37.92 -2.98 -12.99
CA SER A 1 38.04 -3.61 -11.69
C SER A 1 36.74 -4.30 -11.27
N ASN A 2 36.76 -4.88 -10.08
CA ASN A 2 35.61 -5.58 -9.54
C ASN A 2 35.23 -5.02 -8.18
N ALA A 3 33.94 -5.02 -7.89
CA ALA A 3 33.44 -4.53 -6.61
C ALA A 3 32.67 -5.62 -5.93
N MSE A 4 32.38 -5.40 -4.66
CA MSE A 4 31.64 -6.37 -3.90
C MSE A 4 30.52 -5.65 -3.19
O MSE A 4 30.75 -4.63 -2.54
CB MSE A 4 32.55 -7.05 -2.89
CG MSE A 4 31.90 -8.19 -2.14
SE MSE A 4 33.18 -8.86 -0.83
CE MSE A 4 34.57 -9.45 -2.04
N LYS A 5 29.30 -6.16 -3.32
CA LYS A 5 28.14 -5.42 -2.89
C LYS A 5 27.27 -6.28 -2.01
N LYS A 6 26.72 -5.66 -0.98
CA LYS A 6 25.75 -6.32 -0.11
C LYS A 6 24.44 -6.45 -0.88
N ALA A 7 23.75 -7.56 -0.65
CA ALA A 7 22.56 -7.88 -1.43
C ALA A 7 21.52 -6.79 -1.33
N THR A 8 20.79 -6.58 -2.42
CA THR A 8 19.61 -5.74 -2.37
C THR A 8 18.39 -6.58 -2.67
N MSE A 9 17.21 -6.03 -2.40
CA MSE A 9 16.00 -6.78 -2.53
C MSE A 9 15.92 -7.50 -3.86
O MSE A 9 15.61 -8.70 -3.91
CB MSE A 9 14.81 -5.86 -2.35
CG MSE A 9 14.77 -5.20 -0.99
SE MSE A 9 13.18 -4.10 -0.76
CE MSE A 9 11.83 -5.42 -1.26
N LEU A 10 16.22 -6.80 -4.93
CA LEU A 10 16.11 -7.38 -6.27
C LEU A 10 17.01 -8.60 -6.41
N THR A 11 18.28 -8.44 -6.07
CA THR A 11 19.20 -9.53 -6.26
C THR A 11 18.85 -10.62 -5.27
N TYR A 12 18.58 -10.23 -4.04
CA TYR A 12 18.32 -11.20 -3.00
C TYR A 12 17.12 -12.07 -3.35
N LEU A 13 16.06 -11.44 -3.83
CA LEU A 13 14.89 -12.16 -4.28
C LEU A 13 15.25 -13.11 -5.42
N GLU A 14 15.78 -12.54 -6.49
CA GLU A 14 16.16 -13.33 -7.64
C GLU A 14 16.94 -14.57 -7.22
N GLU A 15 17.93 -14.35 -6.36
CA GLU A 15 18.74 -15.41 -5.80
C GLU A 15 17.90 -16.46 -5.09
N GLN A 16 17.14 -16.03 -4.09
CA GLN A 16 16.34 -16.96 -3.29
C GLN A 16 15.28 -17.70 -4.09
N LEU A 17 14.66 -17.00 -5.03
CA LEU A 17 13.64 -17.59 -5.89
C LEU A 17 14.16 -18.78 -6.66
N GLU A 18 15.36 -18.65 -7.23
CA GLU A 18 15.92 -19.73 -8.01
C GLU A 18 16.38 -20.84 -7.09
N LYS A 19 16.80 -20.45 -5.89
CA LYS A 19 17.32 -21.42 -4.95
C LYS A 19 16.22 -22.28 -4.33
N HIS A 20 15.08 -21.67 -4.01
CA HIS A 20 14.03 -22.38 -3.28
C HIS A 20 12.78 -22.67 -4.11
N LEU A 21 12.63 -21.98 -5.24
CA LEU A 21 11.45 -22.16 -6.09
C LEU A 21 11.81 -22.35 -7.55
N GLY A 22 12.83 -23.18 -7.81
CA GLY A 22 13.23 -23.44 -9.18
C GLY A 22 12.17 -24.24 -9.91
N ASP A 23 11.51 -25.13 -9.16
CA ASP A 23 10.50 -26.02 -9.71
C ASP A 23 9.26 -25.27 -10.14
N TYR A 24 9.19 -23.99 -9.80
CA TYR A 24 8.03 -23.17 -10.13
C TYR A 24 8.35 -22.09 -11.15
N GLU A 25 7.32 -21.62 -11.83
CA GLU A 25 7.47 -20.59 -12.85
C GLU A 25 7.37 -19.23 -12.19
N VAL A 26 8.53 -18.67 -11.83
CA VAL A 26 8.53 -17.40 -11.10
C VAL A 26 9.37 -16.34 -11.77
N GLY A 27 8.78 -15.17 -11.92
CA GLY A 27 9.45 -14.04 -12.55
C GLY A 27 9.45 -12.80 -11.67
N LEU A 28 10.31 -11.85 -12.01
CA LEU A 28 10.41 -10.59 -11.30
C LEU A 28 10.26 -9.42 -12.26
N ASP A 29 9.51 -8.40 -11.85
CA ASP A 29 9.46 -7.18 -12.61
C ASP A 29 9.84 -6.03 -11.69
N TRP A 30 10.93 -5.35 -12.01
CA TRP A 30 11.31 -4.15 -11.29
C TRP A 30 10.78 -2.91 -12.00
N ASP A 31 9.67 -2.40 -11.50
CA ASP A 31 9.13 -1.15 -12.01
C ASP A 31 9.89 0.00 -11.38
N ARG A 32 10.98 0.40 -12.03
CA ARG A 32 11.87 1.39 -11.44
C ARG A 32 11.13 2.70 -11.22
N LYS A 33 10.36 3.16 -12.19
CA LYS A 33 9.60 4.41 -12.06
C LYS A 33 8.69 4.41 -10.84
N ASN A 34 7.97 3.32 -10.62
CA ASN A 34 6.96 3.25 -9.57
C ASN A 34 7.53 2.74 -8.24
N HIS A 35 8.84 2.51 -8.22
CA HIS A 35 9.51 2.09 -6.99
C HIS A 35 8.89 0.83 -6.46
N THR A 36 8.81 -0.17 -7.32
CA THR A 36 8.01 -1.34 -7.05
C THR A 36 8.68 -2.58 -7.62
N ILE A 37 8.57 -3.68 -6.89
CA ILE A 37 9.14 -4.94 -7.35
C ILE A 37 8.08 -6.01 -7.29
N GLU A 38 7.75 -6.59 -8.43
CA GLU A 38 6.66 -7.55 -8.48
C GLU A 38 7.15 -8.95 -8.78
N VAL A 39 6.67 -9.91 -8.00
CA VAL A 39 6.98 -11.31 -8.24
C VAL A 39 5.84 -11.96 -8.99
N ILE A 40 6.09 -12.34 -10.24
CA ILE A 40 5.07 -13.00 -11.04
C ILE A 40 5.15 -14.50 -10.88
N VAL A 41 4.01 -15.14 -11.01
CA VAL A 41 3.86 -16.52 -10.63
C VAL A 41 2.86 -17.19 -11.57
N ARG A 42 3.22 -18.36 -12.10
CA ARG A 42 2.31 -19.07 -12.99
C ARG A 42 2.20 -20.55 -12.64
N LEU A 43 0.97 -21.01 -12.46
CA LEU A 43 0.69 -22.43 -12.36
C LEU A 43 0.08 -22.97 -13.65
N TYR A 44 0.44 -24.19 -14.02
CA TYR A 44 -0.17 -24.85 -15.17
C TYR A 44 -0.84 -26.15 -14.74
N ALA A 45 -1.85 -26.57 -15.50
CA ALA A 45 -2.53 -27.83 -15.25
C ALA A 45 -3.22 -28.29 -16.51
N GLU A 46 -3.34 -29.62 -16.66
CA GLU A 46 -3.92 -30.19 -17.86
C GLU A 46 -5.45 -30.29 -17.73
N ASN A 47 -6.16 -29.73 -18.70
CA ASN A 47 -7.62 -29.74 -18.70
C ASN A 47 -8.18 -30.97 -19.41
N ASN A 48 -8.81 -31.86 -18.64
CA ASN A 48 -9.27 -33.13 -19.18
C ASN A 48 -10.76 -33.18 -19.50
N GLU A 49 -11.61 -33.12 -18.49
CA GLU A 49 -13.05 -33.11 -18.67
C GLU A 49 -13.50 -31.95 -19.57
N GLN A 50 -12.52 -31.20 -20.07
CA GLN A 50 -12.81 -29.99 -20.84
C GLN A 50 -13.84 -29.20 -20.05
N VAL A 51 -13.64 -29.22 -18.74
CA VAL A 51 -14.35 -28.38 -17.80
C VAL A 51 -14.46 -26.94 -18.33
N ALA A 52 -15.67 -26.39 -18.29
CA ALA A 52 -15.93 -25.08 -18.85
C ALA A 52 -15.61 -23.95 -17.88
N ILE A 53 -14.58 -23.17 -18.19
CA ILE A 53 -14.17 -22.04 -17.35
C ILE A 53 -14.55 -20.75 -18.03
N ASP A 54 -14.60 -19.66 -17.27
CA ASP A 54 -14.91 -18.34 -17.82
C ASP A 54 -13.73 -17.70 -18.57
N ASP A 55 -14.04 -16.74 -19.44
CA ASP A 55 -13.06 -16.05 -20.27
C ASP A 55 -12.50 -16.91 -21.42
N VAL A 56 -11.55 -17.78 -21.08
CA VAL A 56 -10.88 -18.62 -22.08
C VAL A 56 -11.40 -20.06 -22.10
N GLU A 64 -7.34 -27.13 -22.76
CA GLU A 64 -6.50 -28.31 -22.88
C GLU A 64 -5.35 -28.30 -21.86
N PHE A 65 -4.73 -27.14 -21.67
CA PHE A 65 -3.68 -26.98 -20.68
C PHE A 65 -3.76 -25.58 -20.07
N ILE A 66 -4.48 -25.47 -18.96
CA ILE A 66 -4.78 -24.18 -18.36
C ILE A 66 -3.58 -23.55 -17.69
N GLU A 67 -3.60 -22.22 -17.62
CA GLU A 67 -2.54 -21.46 -17.00
C GLU A 67 -3.13 -20.46 -16.03
N PHE A 68 -2.56 -20.37 -14.84
CA PHE A 68 -3.02 -19.39 -13.88
C PHE A 68 -1.87 -18.50 -13.47
N GLU A 69 -2.05 -17.19 -13.62
CA GLU A 69 -0.99 -16.26 -13.28
C GLU A 69 -1.42 -15.31 -12.18
N ASP A 70 -0.47 -14.94 -11.33
CA ASP A 70 -0.72 -13.96 -10.28
C ASP A 70 0.56 -13.19 -9.95
N GLY A 71 0.45 -12.20 -9.07
CA GLY A 71 1.58 -11.37 -8.73
C GLY A 71 1.56 -10.88 -7.28
N LEU A 72 2.76 -10.76 -6.72
CA LEU A 72 2.97 -10.27 -5.36
C LEU A 72 3.86 -9.04 -5.40
N LEU A 73 3.41 -7.94 -4.80
CA LEU A 73 4.09 -6.66 -4.99
C LEU A 73 4.82 -6.08 -3.78
N PHE A 74 6.02 -5.56 -4.03
CA PHE A 74 6.75 -4.82 -3.02
C PHE A 74 6.73 -3.35 -3.39
N TYR A 75 6.34 -2.48 -2.45
CA TYR A 75 6.17 -1.08 -2.79
C TYR A 75 6.63 -0.16 -1.70
N ASN A 76 7.04 1.04 -2.11
CA ASN A 76 7.35 2.12 -1.18
C ASN A 76 6.10 2.93 -0.94
N PRO A 77 5.59 2.93 0.29
CA PRO A 77 4.35 3.66 0.62
C PRO A 77 4.52 5.17 0.49
N GLN A 78 5.76 5.64 0.53
CA GLN A 78 6.05 7.05 0.33
C GLN A 78 6.16 7.38 -1.15
N LYS A 79 6.35 6.36 -1.98
CA LYS A 79 6.57 6.56 -3.42
C LYS A 79 5.54 5.88 -4.31
N SER A 80 5.51 4.55 -4.30
CA SER A 80 4.67 3.76 -5.21
C SER A 80 3.19 4.14 -5.24
N VAL A 81 2.60 4.13 -6.43
CA VAL A 81 1.15 4.15 -6.59
C VAL A 81 0.65 2.73 -6.83
N VAL A 82 -0.35 2.30 -6.07
CA VAL A 82 -0.72 0.89 -6.04
C VAL A 82 -2.21 0.64 -5.87
N ASP A 83 -2.74 -0.30 -6.63
CA ASP A 83 -4.08 -0.80 -6.42
C ASP A 83 -3.96 -2.15 -5.75
N ASP A 84 -4.18 -2.19 -4.44
CA ASP A 84 -4.01 -3.40 -3.64
C ASP A 84 -4.71 -4.59 -4.27
N GLU A 85 -5.78 -4.29 -4.99
CA GLU A 85 -6.70 -5.28 -5.49
C GLU A 85 -6.18 -5.93 -6.78
N GLU A 86 -5.02 -5.50 -7.27
CA GLU A 86 -4.46 -6.10 -8.49
C GLU A 86 -3.58 -7.32 -8.19
N TYR A 87 -3.22 -7.48 -6.91
CA TYR A 87 -2.23 -8.46 -6.53
C TYR A 87 -2.70 -9.36 -5.41
N LEU A 88 -1.93 -10.42 -5.18
CA LEU A 88 -2.25 -11.40 -4.15
C LEU A 88 -1.97 -10.78 -2.78
N VAL A 89 -0.80 -10.16 -2.66
CA VAL A 89 -0.36 -9.45 -1.46
C VAL A 89 0.34 -8.20 -1.93
N THR A 90 0.41 -7.22 -1.04
CA THR A 90 1.05 -5.96 -1.36
C THR A 90 1.92 -5.61 -0.18
N ILE A 91 3.22 -5.89 -0.30
CA ILE A 91 4.15 -5.78 0.81
C ILE A 91 4.95 -4.49 0.78
N PRO A 92 4.78 -3.66 1.81
CA PRO A 92 5.47 -2.37 1.88
C PRO A 92 6.89 -2.56 2.38
N TYR A 93 7.81 -1.76 1.86
CA TYR A 93 9.17 -1.74 2.36
C TYR A 93 9.52 -0.30 2.68
N GLU A 94 10.60 -0.10 3.43
CA GLU A 94 10.92 1.21 4.01
C GLU A 94 11.84 2.07 3.17
N GLY A 95 11.35 2.52 2.02
CA GLY A 95 12.21 3.29 1.15
C GLY A 95 13.55 2.60 1.04
N LYS A 96 14.64 3.33 1.25
CA LYS A 96 15.95 2.76 1.00
C LYS A 96 16.33 1.65 1.99
N LYS A 97 15.95 1.79 3.26
CA LYS A 97 16.24 0.77 4.28
C LYS A 97 15.94 -0.65 3.80
N GLY A 98 14.87 -0.78 3.01
CA GLY A 98 14.47 -2.06 2.46
C GLY A 98 13.61 -2.88 3.40
N LEU A 99 13.93 -4.16 3.52
CA LEU A 99 13.20 -5.04 4.41
C LEU A 99 14.20 -5.84 5.21
N ARG A 100 13.83 -6.19 6.43
CA ARG A 100 14.63 -7.13 7.19
C ARG A 100 14.76 -8.40 6.35
N LYS A 101 15.91 -9.04 6.45
CA LYS A 101 16.16 -10.26 5.71
C LYS A 101 15.10 -11.30 6.07
N ALA A 102 14.74 -11.37 7.35
CA ALA A 102 13.80 -12.37 7.85
C ALA A 102 12.48 -12.32 7.13
N VAL A 103 12.08 -11.12 6.75
CA VAL A 103 10.85 -10.92 6.00
C VAL A 103 11.01 -11.40 4.57
N LEU A 104 12.11 -11.02 3.93
CA LEU A 104 12.37 -11.50 2.59
C LEU A 104 12.35 -13.02 2.61
N ASP A 105 12.93 -13.59 3.66
CA ASP A 105 13.05 -15.03 3.76
C ASP A 105 11.73 -15.71 4.06
N GLY A 106 10.97 -15.15 5.00
CA GLY A 106 9.67 -15.70 5.34
C GLY A 106 8.78 -15.66 4.12
N PHE A 107 8.99 -14.63 3.31
CA PHE A 107 8.24 -14.48 2.09
C PHE A 107 8.52 -15.66 1.16
N ILE A 108 9.79 -15.90 0.88
CA ILE A 108 10.19 -17.01 0.04
C ILE A 108 9.58 -18.32 0.50
N HIS A 109 9.65 -18.59 1.79
CA HIS A 109 9.23 -19.89 2.29
C HIS A 109 7.74 -20.03 2.41
N TYR A 110 7.05 -18.91 2.66
CA TYR A 110 5.61 -18.96 2.69
C TYR A 110 5.08 -19.07 1.25
N LEU A 111 5.64 -18.25 0.38
CA LEU A 111 5.30 -18.33 -1.03
C LEU A 111 5.36 -19.77 -1.54
N LYS A 112 6.34 -20.53 -1.09
CA LYS A 112 6.44 -21.90 -1.53
C LYS A 112 5.22 -22.67 -1.05
N VAL A 113 4.90 -22.53 0.24
CA VAL A 113 3.70 -23.13 0.80
C VAL A 113 2.47 -22.74 -0.03
N VAL A 114 2.34 -21.44 -0.28
CA VAL A 114 1.21 -20.92 -1.04
C VAL A 114 1.10 -21.57 -2.44
N LEU A 115 2.23 -21.86 -3.07
CA LEU A 115 2.19 -22.42 -4.41
C LEU A 115 2.00 -23.93 -4.36
N ASP A 116 2.48 -24.55 -3.29
CA ASP A 116 2.26 -25.97 -3.12
C ASP A 116 0.77 -26.15 -3.01
N GLU A 117 0.20 -25.55 -1.96
CA GLU A 117 -1.22 -25.68 -1.70
C GLU A 117 -1.98 -25.22 -2.94
N GLY A 118 -1.42 -24.25 -3.63
CA GLY A 118 -2.01 -23.75 -4.86
C GLY A 118 -2.16 -24.85 -5.89
N GLN A 119 -1.06 -25.50 -6.24
CA GLN A 119 -1.07 -26.52 -7.25
C GLN A 119 -2.02 -27.66 -6.88
N SER A 120 -2.08 -27.98 -5.59
CA SER A 120 -3.00 -28.99 -5.09
C SER A 120 -4.43 -28.55 -5.43
N ASP A 121 -4.86 -27.43 -4.86
CA ASP A 121 -6.17 -26.86 -5.09
C ASP A 121 -6.55 -26.77 -6.58
N LEU A 122 -5.57 -26.51 -7.44
CA LEU A 122 -5.83 -26.41 -8.87
C LEU A 122 -6.26 -27.75 -9.46
N LEU A 123 -5.45 -28.77 -9.24
CA LEU A 123 -5.82 -30.12 -9.67
C LEU A 123 -7.19 -30.54 -9.11
N ASP A 124 -7.47 -30.17 -7.86
CA ASP A 124 -8.75 -30.46 -7.24
C ASP A 124 -9.86 -29.69 -7.93
N PHE A 125 -9.53 -28.49 -8.38
CA PHE A 125 -10.49 -27.65 -9.07
C PHE A 125 -11.07 -28.36 -10.30
N LEU A 126 -10.20 -28.90 -11.14
CA LEU A 126 -10.61 -29.47 -12.42
C LEU A 126 -11.21 -30.87 -12.38
N SER A 127 -11.30 -31.44 -11.17
CA SER A 127 -11.74 -32.82 -11.05
C SER A 127 -12.79 -32.96 -9.97
N ASP A 128 -12.94 -31.92 -9.16
CA ASP A 128 -13.99 -31.90 -8.16
C ASP A 128 -15.14 -31.05 -8.70
N GLU A 129 -16.12 -31.71 -9.30
CA GLU A 129 -17.25 -31.00 -9.89
C GLU A 129 -17.91 -30.04 -8.88
N THR A 130 -17.60 -30.20 -7.60
CA THR A 130 -18.19 -29.34 -6.56
C THR A 130 -17.44 -28.02 -6.39
N ALA A 131 -16.16 -28.02 -6.75
CA ALA A 131 -15.33 -26.82 -6.62
C ALA A 131 -15.84 -25.70 -7.52
N GLU A 132 -16.30 -24.62 -6.93
CA GLU A 132 -16.81 -23.49 -7.68
C GLU A 132 -15.69 -22.63 -8.24
N VAL A 133 -14.76 -22.23 -7.38
CA VAL A 133 -13.71 -21.31 -7.79
C VAL A 133 -12.32 -21.76 -7.40
N PHE A 134 -11.33 -21.29 -8.15
CA PHE A 134 -9.93 -21.49 -7.79
C PHE A 134 -9.15 -20.18 -7.74
N GLU A 135 -8.43 -19.99 -6.62
CA GLU A 135 -7.52 -18.88 -6.49
C GLU A 135 -6.40 -19.25 -5.54
N LEU A 136 -5.50 -18.30 -5.31
CA LEU A 136 -4.40 -18.48 -4.40
C LEU A 136 -4.73 -17.82 -3.06
N HIS A 137 -4.28 -18.43 -1.97
CA HIS A 137 -4.62 -17.90 -0.66
C HIS A 137 -3.39 -17.45 0.11
N TRP A 138 -3.36 -16.16 0.42
CA TRP A 138 -2.27 -15.59 1.19
C TRP A 138 -2.79 -15.20 2.57
N GLU A 139 -2.53 -16.06 3.56
CA GLU A 139 -2.93 -15.80 4.93
C GLU A 139 -1.82 -15.10 5.69
N PRO A 140 -1.98 -13.80 5.92
CA PRO A 140 -1.02 -12.95 6.65
C PRO A 140 -0.51 -13.64 7.91
N ALA A 141 -1.42 -14.20 8.70
CA ALA A 141 -1.03 -14.91 9.92
C ALA A 141 -0.03 -16.03 9.67
N ASP A 142 -0.14 -16.69 8.52
CA ASP A 142 0.79 -17.76 8.17
C ASP A 142 2.10 -17.17 7.65
N PHE A 143 1.99 -16.02 7.02
CA PHE A 143 3.14 -15.27 6.57
C PHE A 143 3.93 -14.82 7.78
N GLU A 144 3.27 -14.10 8.67
CA GLU A 144 3.91 -13.65 9.90
C GLU A 144 4.61 -14.77 10.65
N ALA A 145 3.97 -15.94 10.72
CA ALA A 145 4.52 -17.06 11.46
C ALA A 145 5.78 -17.55 10.78
N MSE A 146 5.81 -17.49 9.45
CA MSE A 146 6.99 -17.90 8.72
C MSE A 146 8.14 -16.98 9.08
O MSE A 146 9.23 -17.44 9.44
CB MSE A 146 6.76 -17.86 7.22
CG MSE A 146 7.81 -18.67 6.46
SE MSE A 146 7.63 -20.61 6.78
CE MSE A 146 5.82 -20.86 6.08
N ILE A 147 7.89 -15.69 8.99
CA ILE A 147 8.86 -14.69 9.39
C ILE A 147 9.37 -14.92 10.81
N LYS A 148 8.47 -15.14 11.76
CA LYS A 148 8.86 -15.42 13.14
C LYS A 148 9.79 -16.62 13.19
N LYS A 149 9.49 -17.62 12.38
CA LYS A 149 10.22 -18.87 12.43
C LYS A 149 11.66 -18.70 11.93
N VAL A 150 11.83 -17.79 10.97
CA VAL A 150 13.14 -17.42 10.47
C VAL A 150 13.84 -16.45 11.44
N ALA A 151 13.07 -15.50 11.97
CA ALA A 151 13.63 -14.46 12.84
C ALA A 151 14.25 -15.03 14.13
N GLU A 152 14.07 -16.33 14.35
CA GLU A 152 14.66 -16.96 15.53
C GLU A 152 15.86 -17.81 15.13
N THR A 153 16.02 -18.03 13.83
CA THR A 153 17.16 -18.76 13.29
C THR A 153 18.40 -17.89 13.23
N GLU A 154 18.22 -16.62 12.86
CA GLU A 154 19.34 -15.75 12.59
C GLU A 154 19.20 -14.35 13.19
N LYS A 155 20.25 -13.55 13.05
CA LYS A 155 20.32 -12.21 13.63
C LYS A 155 19.83 -11.17 12.63
N GLU A 156 19.04 -10.22 13.12
N GLU A 156 19.05 -10.22 13.12
CA GLU A 156 18.43 -9.22 12.25
CA GLU A 156 18.44 -9.20 12.27
C GLU A 156 19.46 -8.64 11.29
C GLU A 156 19.44 -8.60 11.30
N GLN A 157 19.04 -8.50 10.04
CA GLN A 157 19.88 -7.93 9.00
C GLN A 157 18.95 -7.35 7.97
N TRP A 158 19.26 -6.14 7.50
CA TRP A 158 18.39 -5.46 6.55
C TRP A 158 18.93 -5.59 5.16
N ILE A 159 18.03 -5.63 4.20
CA ILE A 159 18.41 -5.79 2.82
C ILE A 159 17.78 -4.66 2.05
N ALA A 160 18.63 -3.72 1.64
CA ALA A 160 18.17 -2.44 1.12
C ALA A 160 17.56 -2.55 -0.26
N TYR A 161 16.99 -1.44 -0.70
CA TYR A 161 16.41 -1.33 -2.01
C TYR A 161 17.45 -0.78 -2.97
N PRO A 162 17.52 -1.35 -4.18
CA PRO A 162 18.43 -0.97 -5.26
C PRO A 162 18.53 0.55 -5.48
N SER A 163 19.62 0.99 -6.10
CA SER A 163 19.82 2.41 -6.38
C SER A 163 20.16 2.63 -7.85
N SER B 1 -17.89 24.05 28.99
CA SER B 1 -17.78 23.59 30.37
C SER B 1 -17.27 22.15 30.43
N ASN B 2 -18.17 21.20 30.24
CA ASN B 2 -17.82 19.78 30.31
C ASN B 2 -17.32 19.20 28.97
N ALA B 3 -16.09 19.55 28.62
CA ALA B 3 -15.50 19.06 27.38
C ALA B 3 -14.23 18.26 27.65
N MSE B 4 -14.26 16.97 27.34
CA MSE B 4 -13.10 16.12 27.57
C MSE B 4 -13.05 14.91 26.64
O MSE B 4 -13.95 14.08 26.64
CB MSE B 4 -13.07 15.64 29.01
CG MSE B 4 -12.20 14.42 29.21
SE MSE B 4 -12.55 13.60 30.92
CE MSE B 4 -11.22 14.51 32.00
N LYS B 5 -11.97 14.82 25.86
CA LYS B 5 -11.88 13.80 24.82
C LYS B 5 -10.70 12.85 25.01
N LYS B 6 -10.73 11.77 24.22
CA LYS B 6 -9.55 10.95 23.97
C LYS B 6 -8.91 11.47 22.70
N ALA B 7 -7.62 11.77 22.75
CA ALA B 7 -6.92 12.32 21.59
C ALA B 7 -6.52 11.25 20.57
N THR B 8 -7.34 11.11 19.53
CA THR B 8 -7.06 10.23 18.42
C THR B 8 -6.78 11.08 17.19
N MSE B 9 -6.33 10.45 16.11
CA MSE B 9 -6.14 11.18 14.87
C MSE B 9 -7.50 11.72 14.47
O MSE B 9 -7.60 12.78 13.84
CB MSE B 9 -5.62 10.26 13.76
CG MSE B 9 -4.37 9.48 14.12
SE MSE B 9 -4.04 8.05 12.83
CE MSE B 9 -3.41 9.09 11.31
N LEU B 10 -8.53 10.99 14.85
CA LEU B 10 -9.89 11.35 14.51
C LEU B 10 -10.31 12.68 15.14
N THR B 11 -10.44 12.68 16.45
CA THR B 11 -10.79 13.89 17.15
C THR B 11 -9.87 15.02 16.71
N TYR B 12 -8.57 14.74 16.64
CA TYR B 12 -7.59 15.77 16.28
C TYR B 12 -7.91 16.38 14.92
N LEU B 13 -8.19 15.52 13.96
CA LEU B 13 -8.55 15.98 12.62
C LEU B 13 -9.83 16.78 12.70
N GLU B 14 -10.84 16.23 13.36
CA GLU B 14 -12.06 16.96 13.65
C GLU B 14 -11.77 18.40 14.05
N GLU B 15 -11.15 18.55 15.20
CA GLU B 15 -10.82 19.86 15.75
C GLU B 15 -10.06 20.73 14.75
N GLN B 16 -8.96 20.22 14.24
CA GLN B 16 -8.12 20.99 13.33
C GLN B 16 -8.84 21.32 12.01
N LEU B 17 -9.85 20.53 11.68
CA LEU B 17 -10.62 20.75 10.44
C LEU B 17 -11.73 21.77 10.61
N GLU B 18 -12.03 22.11 11.85
CA GLU B 18 -13.03 23.13 12.13
C GLU B 18 -12.33 24.40 12.60
N LYS B 19 -11.07 24.26 12.98
CA LYS B 19 -10.31 25.38 13.49
C LYS B 19 -9.38 25.98 12.45
N HIS B 20 -9.25 25.31 11.31
CA HIS B 20 -8.42 25.84 10.24
C HIS B 20 -9.14 25.81 8.89
N LEU B 21 -10.21 25.01 8.80
CA LEU B 21 -10.95 24.86 7.56
C LEU B 21 -12.45 24.66 7.79
N GLY B 22 -13.08 25.65 8.41
CA GLY B 22 -14.50 25.56 8.71
C GLY B 22 -15.36 26.14 7.61
N ASP B 23 -14.71 26.67 6.57
CA ASP B 23 -15.42 27.29 5.45
C ASP B 23 -15.90 26.25 4.45
N TYR B 24 -15.35 25.04 4.53
CA TYR B 24 -15.60 24.04 3.51
C TYR B 24 -16.47 22.89 3.99
N GLU B 25 -17.04 22.14 3.04
CA GLU B 25 -17.79 20.93 3.34
C GLU B 25 -16.83 19.75 3.50
N VAL B 26 -15.79 19.96 4.31
CA VAL B 26 -14.81 18.93 4.60
C VAL B 26 -15.37 17.93 5.61
N GLY B 27 -15.56 16.69 5.17
CA GLY B 27 -16.12 15.66 6.02
C GLY B 27 -15.16 14.53 6.31
N LEU B 28 -15.53 13.66 7.26
CA LEU B 28 -14.71 12.53 7.66
C LEU B 28 -15.48 11.22 7.63
N ASP B 29 -14.88 10.20 7.02
CA ASP B 29 -15.47 8.86 7.00
C ASP B 29 -14.51 7.85 7.64
N TRP B 30 -14.97 7.13 8.67
CA TRP B 30 -14.12 6.15 9.34
C TRP B 30 -14.56 4.73 9.03
N ASP B 31 -13.83 4.08 8.12
CA ASP B 31 -14.11 2.70 7.75
C ASP B 31 -13.28 1.78 8.63
N ARG B 32 -13.66 1.70 9.90
CA ARG B 32 -12.86 0.98 10.88
C ARG B 32 -12.61 -0.49 10.53
N LYS B 33 -13.47 -1.06 9.69
CA LYS B 33 -13.30 -2.46 9.31
C LYS B 33 -12.06 -2.59 8.43
N ASN B 34 -11.86 -1.59 7.59
CA ASN B 34 -10.72 -1.55 6.69
C ASN B 34 -9.69 -0.55 7.18
N HIS B 35 -9.67 -0.34 8.49
CA HIS B 35 -8.72 0.52 9.17
C HIS B 35 -8.33 1.77 8.42
N THR B 36 -9.32 2.45 7.86
CA THR B 36 -9.05 3.64 7.06
C THR B 36 -9.84 4.87 7.51
N ILE B 37 -9.26 6.05 7.25
CA ILE B 37 -9.94 7.31 7.53
C ILE B 37 -9.88 8.26 6.34
N GLU B 38 -11.03 8.48 5.73
CA GLU B 38 -11.13 9.34 4.56
C GLU B 38 -11.51 10.77 4.94
N VAL B 39 -10.89 11.73 4.28
CA VAL B 39 -11.29 13.11 4.43
C VAL B 39 -12.09 13.54 3.20
N ILE B 40 -13.35 13.14 3.17
CA ILE B 40 -14.25 13.55 2.10
C ILE B 40 -14.28 15.07 2.06
N VAL B 41 -14.02 15.63 0.88
CA VAL B 41 -14.06 17.08 0.73
C VAL B 41 -14.89 17.51 -0.48
N ARG B 42 -15.74 18.53 -0.29
CA ARG B 42 -16.54 19.08 -1.38
C ARG B 42 -16.26 20.57 -1.59
N LEU B 43 -15.98 20.95 -2.83
CA LEU B 43 -15.76 22.34 -3.22
C LEU B 43 -16.89 22.82 -4.16
N TYR B 44 -17.48 23.97 -3.89
CA TYR B 44 -18.61 24.47 -4.71
C TYR B 44 -18.30 25.72 -5.53
N GLU B 67 -20.82 20.29 -8.65
CA GLU B 67 -20.00 20.34 -7.44
C GLU B 67 -18.90 19.27 -7.44
N PHE B 68 -17.71 19.67 -7.00
CA PHE B 68 -16.53 18.80 -7.05
C PHE B 68 -16.26 18.10 -5.72
N GLU B 69 -16.05 16.79 -5.75
CA GLU B 69 -15.78 16.03 -4.54
C GLU B 69 -14.63 15.05 -4.69
N ASP B 70 -13.67 15.14 -3.78
CA ASP B 70 -12.57 14.19 -3.76
C ASP B 70 -12.28 13.76 -2.33
N GLY B 71 -11.62 12.62 -2.17
CA GLY B 71 -11.28 12.13 -0.84
C GLY B 71 -9.78 12.09 -0.59
N LEU B 72 -9.39 12.13 0.67
CA LEU B 72 -7.99 11.93 1.06
C LEU B 72 -7.96 10.82 2.10
N LEU B 73 -7.03 9.88 1.94
CA LEU B 73 -7.06 8.69 2.76
C LEU B 73 -5.91 8.48 3.72
N PHE B 74 -6.24 7.97 4.91
CA PHE B 74 -5.27 7.49 5.87
C PHE B 74 -5.44 5.99 6.04
N TYR B 75 -4.40 5.23 5.76
CA TYR B 75 -4.47 3.78 5.82
C TYR B 75 -3.32 3.18 6.64
N ASN B 76 -3.53 1.97 7.11
CA ASN B 76 -2.47 1.19 7.73
C ASN B 76 -2.04 0.12 6.74
N PRO B 77 -0.82 0.28 6.19
CA PRO B 77 -0.32 -0.58 5.10
C PRO B 77 -0.23 -2.05 5.54
N GLN B 78 -0.40 -2.26 6.84
CA GLN B 78 -0.31 -3.59 7.40
C GLN B 78 -1.68 -4.27 7.49
N LYS B 79 -2.76 -3.50 7.33
CA LYS B 79 -4.10 -4.08 7.36
C LYS B 79 -5.09 -3.52 6.32
N SER B 80 -4.87 -2.30 5.86
CA SER B 80 -5.80 -1.67 4.93
C SER B 80 -5.63 -2.15 3.49
N VAL B 81 -6.76 -2.27 2.80
CA VAL B 81 -6.76 -2.51 1.36
C VAL B 81 -7.11 -1.21 0.62
N VAL B 82 -6.38 -0.90 -0.44
CA VAL B 82 -6.49 0.43 -1.06
C VAL B 82 -6.18 0.48 -2.57
N ASP B 83 -6.90 1.35 -3.29
CA ASP B 83 -6.53 1.71 -4.65
C ASP B 83 -6.12 3.18 -4.68
N ASP B 84 -4.81 3.42 -4.64
CA ASP B 84 -4.27 4.77 -4.52
C ASP B 84 -4.98 5.78 -5.41
N GLU B 85 -5.47 5.28 -6.55
CA GLU B 85 -6.02 6.12 -7.60
C GLU B 85 -7.37 6.78 -7.24
N GLU B 86 -8.14 6.13 -6.37
CA GLU B 86 -9.44 6.65 -5.99
C GLU B 86 -9.36 7.93 -5.17
N TYR B 87 -8.16 8.31 -4.78
CA TYR B 87 -7.99 9.47 -3.92
C TYR B 87 -6.91 10.39 -4.45
N LEU B 88 -6.94 11.64 -4.00
CA LEU B 88 -5.91 12.60 -4.35
C LEU B 88 -4.59 12.22 -3.69
N VAL B 89 -4.67 11.82 -2.43
CA VAL B 89 -3.50 11.37 -1.69
C VAL B 89 -3.83 10.13 -0.89
N THR B 90 -2.84 9.27 -0.71
CA THR B 90 -2.92 8.22 0.28
C THR B 90 -1.83 8.45 1.30
N ILE B 91 -2.16 8.25 2.56
CA ILE B 91 -1.21 8.47 3.62
C ILE B 91 -1.25 7.36 4.65
N PRO B 92 -0.09 6.70 4.85
CA PRO B 92 0.01 5.60 5.80
C PRO B 92 0.26 6.10 7.22
N TYR B 93 -0.45 5.53 8.18
CA TYR B 93 -0.16 5.76 9.59
C TYR B 93 0.34 4.44 10.15
N GLU B 94 0.97 4.49 11.32
CA GLU B 94 1.59 3.31 11.91
C GLU B 94 0.62 2.55 12.81
N GLY B 95 -0.46 2.07 12.23
CA GLY B 95 -1.46 1.34 12.99
C GLY B 95 -1.73 1.94 14.35
N LYS B 96 -1.47 1.16 15.40
CA LYS B 96 -1.75 1.55 16.78
C LYS B 96 -1.17 2.92 17.16
N LYS B 97 0.12 3.14 16.88
CA LYS B 97 0.79 4.40 17.18
C LYS B 97 0.12 5.58 16.52
N GLY B 98 -0.40 5.36 15.32
CA GLY B 98 -0.99 6.45 14.55
C GLY B 98 0.06 7.25 13.79
N LEU B 99 -0.03 8.57 13.89
CA LEU B 99 0.84 9.43 13.09
C LEU B 99 1.49 10.52 13.94
N ARG B 100 2.50 11.18 13.39
CA ARG B 100 3.12 12.31 14.06
C ARG B 100 2.26 13.55 13.92
N LYS B 101 2.07 14.26 15.03
CA LYS B 101 1.38 15.53 15.03
C LYS B 101 2.03 16.45 14.00
N ALA B 102 3.36 16.48 14.01
CA ALA B 102 4.12 17.31 13.09
C ALA B 102 3.85 16.97 11.64
N VAL B 103 2.99 15.97 11.41
CA VAL B 103 2.64 15.56 10.06
C VAL B 103 1.18 15.83 9.80
N LEU B 104 0.35 15.50 10.79
CA LEU B 104 -1.07 15.83 10.74
C LEU B 104 -1.24 17.34 10.57
N ASP B 105 -0.31 18.09 11.17
CA ASP B 105 -0.30 19.53 11.01
C ASP B 105 0.08 19.88 9.59
N GLY B 106 1.29 19.50 9.19
CA GLY B 106 1.76 19.75 7.84
C GLY B 106 0.70 19.39 6.82
N PHE B 107 -0.18 18.47 7.22
CA PHE B 107 -1.28 18.07 6.36
C PHE B 107 -2.38 19.13 6.33
N ILE B 108 -3.02 19.37 7.47
CA ILE B 108 -4.14 20.31 7.53
C ILE B 108 -3.77 21.68 6.98
N HIS B 109 -2.48 22.02 7.05
CA HIS B 109 -1.99 23.28 6.49
C HIS B 109 -1.80 23.20 4.97
N TYR B 110 -1.03 22.22 4.51
CA TYR B 110 -0.82 22.05 3.07
C TYR B 110 -2.14 21.80 2.36
N LEU B 111 -3.13 21.36 3.13
CA LEU B 111 -4.46 21.11 2.59
C LEU B 111 -5.10 22.43 2.22
N LYS B 112 -5.21 23.32 3.19
CA LYS B 112 -5.74 24.66 2.95
C LYS B 112 -5.07 25.23 1.70
N VAL B 113 -3.74 25.09 1.64
CA VAL B 113 -2.98 25.48 0.46
C VAL B 113 -3.61 24.96 -0.83
N VAL B 114 -3.93 23.67 -0.83
CA VAL B 114 -4.43 23.00 -2.03
C VAL B 114 -5.88 23.35 -2.35
N LEU B 115 -6.66 23.65 -1.31
CA LEU B 115 -8.07 24.02 -1.45
C LEU B 115 -8.25 25.47 -1.88
N ASP B 116 -7.58 26.37 -1.15
CA ASP B 116 -7.58 27.78 -1.49
C ASP B 116 -7.06 27.97 -2.91
N GLU B 117 -5.95 27.31 -3.20
CA GLU B 117 -5.38 27.32 -4.54
C GLU B 117 -6.33 26.58 -5.48
N GLY B 118 -7.12 25.68 -4.93
CA GLY B 118 -8.08 24.91 -5.70
C GLY B 118 -9.24 25.77 -6.17
N GLN B 119 -9.70 26.67 -5.31
CA GLN B 119 -10.82 27.56 -5.63
C GLN B 119 -10.48 28.58 -6.70
N SER B 120 -9.34 29.24 -6.55
CA SER B 120 -8.90 30.27 -7.50
C SER B 120 -8.72 29.70 -8.91
N ASP B 121 -8.64 28.37 -9.00
CA ASP B 121 -8.50 27.71 -10.29
C ASP B 121 -9.80 27.02 -10.70
N LEU B 122 -10.65 26.76 -9.70
CA LEU B 122 -11.96 26.19 -9.95
C LEU B 122 -12.84 27.20 -10.68
N LEU B 123 -12.70 28.48 -10.32
CA LEU B 123 -13.43 29.55 -10.99
C LEU B 123 -12.91 29.74 -12.42
N ASP B 124 -11.59 29.65 -12.58
CA ASP B 124 -10.97 29.79 -13.89
C ASP B 124 -11.38 28.67 -14.83
N PHE B 125 -12.28 27.82 -14.36
CA PHE B 125 -12.76 26.70 -15.17
C PHE B 125 -14.16 27.00 -15.71
N LEU B 126 -14.84 27.94 -15.08
CA LEU B 126 -16.21 28.30 -15.44
C LEU B 126 -16.25 29.45 -16.46
N SER B 127 -15.16 30.20 -16.53
CA SER B 127 -15.08 31.36 -17.42
C SER B 127 -14.03 31.17 -18.49
N ASP B 128 -12.89 30.58 -18.13
CA ASP B 128 -11.84 30.32 -19.10
C ASP B 128 -12.23 29.21 -20.06
N GLU B 129 -12.82 29.58 -21.19
CA GLU B 129 -13.17 28.61 -22.22
C GLU B 129 -11.92 27.92 -22.73
N THR B 130 -10.77 28.54 -22.43
CA THR B 130 -9.49 28.00 -22.84
C THR B 130 -9.10 26.81 -21.96
N ALA B 131 -9.79 26.65 -20.85
CA ALA B 131 -9.53 25.55 -19.92
C ALA B 131 -10.18 24.25 -20.41
N GLU B 132 -9.55 23.12 -20.11
CA GLU B 132 -10.04 21.81 -20.56
C GLU B 132 -10.61 20.98 -19.42
N VAL B 133 -9.79 20.69 -18.43
CA VAL B 133 -10.17 19.83 -17.31
C VAL B 133 -9.78 20.47 -15.98
N PHE B 134 -10.59 20.24 -14.95
CA PHE B 134 -10.25 20.71 -13.62
C PHE B 134 -9.94 19.56 -12.68
N GLU B 135 -8.78 19.64 -12.05
CA GLU B 135 -8.40 18.66 -11.04
C GLU B 135 -7.58 19.35 -9.96
N LEU B 136 -7.42 18.68 -8.82
CA LEU B 136 -6.65 19.23 -7.71
C LEU B 136 -5.21 18.77 -7.74
N HIS B 137 -4.31 19.66 -7.37
CA HIS B 137 -2.89 19.35 -7.42
C HIS B 137 -2.26 19.26 -6.05
N TRP B 138 -1.93 18.03 -5.68
CA TRP B 138 -1.25 17.78 -4.42
C TRP B 138 0.18 17.38 -4.72
N GLU B 139 1.09 18.33 -4.59
CA GLU B 139 2.50 18.03 -4.77
C GLU B 139 3.10 17.50 -3.47
N PRO B 140 3.58 16.25 -3.50
CA PRO B 140 4.23 15.62 -2.34
C PRO B 140 5.40 16.45 -1.86
N ALA B 141 6.26 16.87 -2.78
CA ALA B 141 7.42 17.69 -2.46
C ALA B 141 7.06 18.88 -1.58
N ASP B 142 6.17 19.73 -2.08
CA ASP B 142 5.73 20.91 -1.36
C ASP B 142 5.09 20.50 -0.03
N PHE B 143 4.48 19.32 -0.03
CA PHE B 143 3.85 18.81 1.18
C PHE B 143 4.90 18.36 2.19
N GLU B 144 5.94 17.67 1.73
CA GLU B 144 7.04 17.29 2.60
C GLU B 144 7.61 18.54 3.26
N ALA B 145 7.74 19.61 2.47
CA ALA B 145 8.22 20.89 2.96
C ALA B 145 7.31 21.43 4.06
N MSE B 146 6.02 21.16 3.94
CA MSE B 146 5.05 21.58 4.95
C MSE B 146 5.29 20.83 6.25
O MSE B 146 5.12 21.39 7.33
CB MSE B 146 3.63 21.34 4.45
CG MSE B 146 2.90 22.60 4.01
SE MSE B 146 2.77 23.92 5.44
CE MSE B 146 4.03 25.24 4.73
N ILE B 147 5.65 19.56 6.15
CA ILE B 147 5.92 18.75 7.33
C ILE B 147 7.13 19.30 8.07
N LYS B 148 8.10 19.83 7.31
CA LYS B 148 9.25 20.49 7.92
C LYS B 148 8.81 21.80 8.54
N LYS B 149 8.10 22.61 7.76
CA LYS B 149 7.61 23.90 8.20
C LYS B 149 7.02 23.86 9.61
N VAL B 150 6.30 22.79 9.92
CA VAL B 150 5.62 22.65 11.21
C VAL B 150 6.46 21.89 12.25
N ALA B 151 7.19 20.88 11.81
CA ALA B 151 8.00 20.07 12.72
C ALA B 151 9.16 20.86 13.29
N GLU B 152 9.13 22.17 13.10
CA GLU B 152 10.19 23.06 13.53
C GLU B 152 9.79 23.89 14.75
N THR B 153 8.64 23.57 15.33
CA THR B 153 8.12 24.34 16.47
C THR B 153 7.96 23.51 17.74
N GLU B 154 7.76 22.21 17.59
CA GLU B 154 7.55 21.32 18.74
C GLU B 154 8.22 19.96 18.60
N LYS B 155 8.47 19.32 19.74
CA LYS B 155 9.10 18.00 19.76
C LYS B 155 8.13 16.92 19.29
N GLU B 156 8.63 15.70 19.15
CA GLU B 156 7.81 14.59 18.68
C GLU B 156 6.51 14.44 19.46
N GLN B 157 5.40 14.42 18.74
CA GLN B 157 4.11 14.09 19.33
C GLN B 157 3.37 13.12 18.42
N TRP B 158 2.72 12.12 19.02
CA TRP B 158 2.11 11.04 18.26
C TRP B 158 0.62 10.87 18.53
N ILE B 159 -0.20 11.14 17.52
CA ILE B 159 -1.65 11.01 17.64
C ILE B 159 -2.08 9.59 17.27
N ALA B 160 -2.66 8.89 18.25
CA ALA B 160 -2.99 7.48 18.09
C ALA B 160 -4.20 7.22 17.19
N TYR B 161 -4.32 6.00 16.71
CA TYR B 161 -5.48 5.59 15.94
C TYR B 161 -6.47 4.84 16.84
N PRO B 162 -7.74 5.26 16.82
CA PRO B 162 -8.85 4.64 17.51
C PRO B 162 -8.65 3.15 17.76
ZN ZN C . -1.63 0.82 -1.20
C1 CIT D . -3.28 -4.98 2.78
O1 CIT D . -3.29 -4.47 1.63
O2 CIT D . -4.35 -5.42 3.26
C2 CIT D . -1.99 -5.03 3.58
C3 CIT D . -0.80 -5.46 2.72
O7 CIT D . -0.50 -4.32 1.85
C4 CIT D . 0.38 -5.81 3.63
C5 CIT D . 1.27 -6.95 3.16
O3 CIT D . 1.64 -7.85 3.97
O4 CIT D . 1.67 -7.05 1.98
C6 CIT D . -1.20 -6.56 1.77
O5 CIT D . -1.56 -6.22 0.62
O6 CIT D . -1.18 -7.78 2.09
#